data_7D8B
#
_entry.id   7D8B
#
_cell.length_a   47.595
_cell.length_b   140.394
_cell.length_c   61.961
_cell.angle_alpha   90.000
_cell.angle_beta   104.037
_cell.angle_gamma   90.000
#
_symmetry.space_group_name_H-M   'P 1 21 1'
#
loop_
_entity.id
_entity.type
_entity.pdbx_description
1 polymer 'Eukaryotic translation initiation factor 4E'
2 polymer VH-S4
3 water water
#
loop_
_entity_poly.entity_id
_entity_poly.type
_entity_poly.pdbx_seq_one_letter_code
_entity_poly.pdbx_strand_id
1 'polypeptide(L)'
;MATVEPETTPTPNPPTTEEEKTESNQEVANPEHYIKHPLQNRWALWFFKNDKSKTWQANLRLISKFDTVEDFWALYNHIQ
LSSNLMPGCDYSLFKDGIEPMWEDEKNKRGGRWLITLNKQQRRSDLDRFWLETLLCLIGESFDDYSDDVCGAVVNVRAKG
DKIAIWTTECENREAVTHIGRVYKERLGLPPKIVIGYQSHADTATKSGSTTKNRFVV
;
A,C
2 'polypeptide(L)'
;MSEVQLVESGGGLVQPGGSLRLSSAISGFSISSTSIDWVRQAPGKGLEWVARISPSSGSTSYADSVKGRFTISADTSKNT
VYLQMNSLRAEDTAVYYTGRVAKALNSRSPSFVVNTYSSIGFDYRGQGTLVTVSSGAAEQKLISEEDLNGAAAFEHHHHH
H
;
B,D
#
# COMPACT_ATOMS: atom_id res chain seq x y z
N HIS A 33 26.19 -11.05 3.30
CA HIS A 33 26.13 -12.44 2.76
C HIS A 33 24.71 -13.01 2.88
N TYR A 34 24.08 -12.92 4.06
CA TYR A 34 22.76 -13.52 4.33
C TYR A 34 21.70 -12.86 3.45
N ILE A 35 20.90 -13.69 2.76
CA ILE A 35 19.86 -13.26 1.78
C ILE A 35 18.49 -13.36 2.46
N LYS A 36 17.84 -12.20 2.63
CA LYS A 36 16.51 -12.05 3.25
C LYS A 36 15.45 -12.61 2.29
N HIS A 37 14.29 -13.01 2.83
CA HIS A 37 13.14 -13.59 2.09
C HIS A 37 12.08 -12.52 1.88
N PRO A 38 11.93 -11.98 0.65
CA PRO A 38 10.99 -10.89 0.40
C PRO A 38 9.53 -11.36 0.44
N LEU A 39 8.66 -10.52 1.02
CA LEU A 39 7.18 -10.70 1.04
C LEU A 39 6.61 -10.21 -0.30
N GLN A 40 5.38 -10.60 -0.61
CA GLN A 40 4.66 -10.22 -1.86
C GLN A 40 4.36 -8.71 -1.86
N ASN A 41 4.25 -8.08 -0.68
CA ASN A 41 3.88 -6.65 -0.53
C ASN A 41 4.76 -5.97 0.52
N ARG A 42 4.94 -4.65 0.38
CA ARG A 42 5.45 -3.72 1.42
C ARG A 42 4.31 -3.44 2.41
N TRP A 43 4.57 -3.60 3.71
CA TRP A 43 3.59 -3.37 4.81
C TRP A 43 4.09 -2.25 5.71
N ALA A 44 3.17 -1.54 6.36
CA ALA A 44 3.43 -0.45 7.33
C ALA A 44 2.66 -0.76 8.61
N LEU A 45 3.38 -0.78 9.75
CA LEU A 45 2.79 -0.93 11.10
C LEU A 45 2.57 0.45 11.69
N TRP A 46 1.33 0.74 12.12
CA TRP A 46 0.90 2.07 12.67
C TRP A 46 0.55 1.91 14.15
N PHE A 47 0.61 3.03 14.89
CA PHE A 47 0.11 3.16 16.28
C PHE A 47 -0.83 4.37 16.32
N PHE A 48 -1.96 4.23 17.03
CA PHE A 48 -3.02 5.25 17.15
C PHE A 48 -3.37 5.45 18.62
N LYS A 49 -3.50 6.72 19.05
CA LYS A 49 -4.06 7.14 20.36
C LYS A 49 -5.17 8.16 20.09
N ASN A 50 -6.24 8.14 20.91
CA ASN A 50 -7.39 9.09 20.83
C ASN A 50 -6.96 10.46 21.36
N ASP A 51 -7.68 11.52 20.98
CA ASP A 51 -7.37 12.94 21.28
C ASP A 51 -6.99 13.10 22.76
N GLN A 57 -4.38 12.25 12.24
CA GLN A 57 -3.18 12.65 11.45
C GLN A 57 -1.98 12.80 12.39
N ALA A 58 -2.01 13.78 13.29
CA ALA A 58 -1.01 13.99 14.36
C ALA A 58 -1.21 12.90 15.45
N ASN A 59 -2.41 12.35 15.57
CA ASN A 59 -2.78 11.25 16.52
C ASN A 59 -2.19 9.92 16.07
N LEU A 60 -1.87 9.78 14.77
CA LEU A 60 -1.45 8.50 14.12
C LEU A 60 0.05 8.57 13.80
N ARG A 61 0.80 7.51 14.14
CA ARG A 61 2.28 7.44 14.01
C ARG A 61 2.69 6.16 13.29
N LEU A 62 3.60 6.29 12.31
CA LEU A 62 4.29 5.15 11.63
C LEU A 62 5.31 4.54 12.61
N ILE A 63 5.22 3.24 12.88
CA ILE A 63 6.19 2.48 13.73
C ILE A 63 7.37 2.06 12.86
N SER A 64 7.09 1.31 11.79
CA SER A 64 8.08 0.88 10.77
C SER A 64 7.37 0.27 9.56
N LYS A 65 8.04 0.31 8.40
CA LYS A 65 7.68 -0.45 7.18
C LYS A 65 8.67 -1.60 7.01
N PHE A 66 8.29 -2.64 6.24
CA PHE A 66 9.10 -3.88 6.02
C PHE A 66 8.56 -4.63 4.79
N ASP A 67 9.45 -5.33 4.09
CA ASP A 67 9.10 -6.12 2.87
C ASP A 67 9.90 -7.44 2.82
N THR A 68 10.33 -7.96 3.97
CA THR A 68 11.02 -9.29 4.09
C THR A 68 10.52 -9.99 5.36
N VAL A 69 10.65 -11.32 5.40
CA VAL A 69 10.23 -12.18 6.54
C VAL A 69 11.09 -11.85 7.77
N GLU A 70 12.37 -11.55 7.56
CA GLU A 70 13.36 -11.25 8.64
C GLU A 70 13.03 -9.91 9.30
N ASP A 71 12.80 -8.87 8.48
CA ASP A 71 12.56 -7.47 8.96
C ASP A 71 11.21 -7.40 9.69
N PHE A 72 10.27 -8.28 9.38
CA PHE A 72 8.99 -8.44 10.12
C PHE A 72 9.29 -8.90 11.56
N TRP A 73 9.88 -10.10 11.70
CA TRP A 73 10.24 -10.71 13.01
C TRP A 73 11.14 -9.77 13.82
N ALA A 74 12.06 -9.07 13.16
CA ALA A 74 12.94 -8.03 13.79
C ALA A 74 12.06 -6.95 14.44
N LEU A 75 10.97 -6.55 13.77
CA LEU A 75 10.02 -5.53 14.28
C LEU A 75 9.21 -6.12 15.43
N TYR A 76 8.60 -7.30 15.22
CA TYR A 76 7.65 -7.93 16.16
C TYR A 76 8.31 -8.16 17.53
N ASN A 77 9.61 -8.49 17.55
CA ASN A 77 10.35 -8.87 18.78
C ASN A 77 10.83 -7.64 19.56
N HIS A 78 10.63 -6.42 19.05
CA HIS A 78 11.13 -5.16 19.67
C HIS A 78 10.00 -4.14 19.85
N ILE A 79 8.74 -4.56 19.80
CA ILE A 79 7.56 -3.69 20.07
C ILE A 79 6.69 -4.36 21.13
N GLN A 80 5.98 -3.56 21.93
CA GLN A 80 5.13 -4.02 23.05
C GLN A 80 4.01 -4.90 22.49
N LEU A 81 3.66 -5.97 23.22
CA LEU A 81 2.50 -6.85 22.92
C LEU A 81 1.21 -6.02 23.02
N SER A 82 0.15 -6.46 22.34
CA SER A 82 -1.17 -5.80 22.30
C SER A 82 -1.81 -5.83 23.70
N SER A 83 -1.63 -6.94 24.43
CA SER A 83 -2.19 -7.18 25.79
C SER A 83 -1.64 -6.18 26.81
N ASN A 84 -0.47 -5.59 26.54
CA ASN A 84 0.25 -4.68 27.46
C ASN A 84 0.03 -3.20 27.06
N LEU A 85 -0.68 -2.94 25.97
CA LEU A 85 -0.96 -1.57 25.46
C LEU A 85 -1.95 -0.86 26.40
N MET A 86 -1.83 0.46 26.52
CA MET A 86 -2.70 1.33 27.35
C MET A 86 -4.08 1.40 26.69
N PRO A 87 -5.19 1.20 27.44
CA PRO A 87 -6.54 1.28 26.88
C PRO A 87 -6.79 2.52 26.00
N GLY A 88 -7.47 2.33 24.87
CA GLY A 88 -7.77 3.37 23.87
C GLY A 88 -6.63 3.57 22.89
N CYS A 89 -5.86 2.50 22.62
CA CYS A 89 -4.71 2.51 21.65
C CYS A 89 -4.87 1.35 20.65
N ASP A 90 -4.44 1.57 19.41
CA ASP A 90 -4.58 0.61 18.29
C ASP A 90 -3.22 0.35 17.65
N TYR A 91 -2.94 -0.92 17.31
CA TYR A 91 -1.96 -1.34 16.27
C TYR A 91 -2.74 -1.61 14.97
N SER A 92 -2.15 -1.27 13.82
CA SER A 92 -2.72 -1.59 12.48
C SER A 92 -1.58 -1.92 11.50
N LEU A 93 -1.71 -3.03 10.76
CA LEU A 93 -0.82 -3.37 9.62
C LEU A 93 -1.60 -3.14 8.32
N PHE A 94 -1.12 -2.25 7.47
CA PHE A 94 -1.73 -1.88 6.17
C PHE A 94 -0.64 -1.92 5.09
N LYS A 95 -1.01 -2.34 3.87
CA LYS A 95 -0.12 -2.36 2.68
C LYS A 95 0.43 -0.94 2.48
N ASP A 96 1.64 -0.84 1.92
CA ASP A 96 2.35 0.44 1.68
C ASP A 96 1.47 1.32 0.77
N GLY A 97 1.27 2.58 1.15
CA GLY A 97 0.48 3.57 0.39
C GLY A 97 -0.97 3.64 0.84
N ILE A 98 -1.41 2.80 1.78
CA ILE A 98 -2.80 2.80 2.31
C ILE A 98 -2.77 3.30 3.76
N GLU A 99 -3.40 4.46 4.02
CA GLU A 99 -3.62 5.00 5.38
C GLU A 99 -4.68 4.14 6.07
N PRO A 100 -4.51 3.77 7.35
CA PRO A 100 -5.48 2.91 8.05
C PRO A 100 -6.72 3.68 8.53
N MET A 101 -7.43 4.32 7.59
CA MET A 101 -8.61 5.19 7.86
C MET A 101 -9.68 4.97 6.78
N TRP A 102 -10.95 4.97 7.18
CA TRP A 102 -12.14 4.83 6.29
C TRP A 102 -11.96 5.65 5.02
N GLU A 103 -11.57 6.92 5.15
CA GLU A 103 -11.64 7.95 4.09
C GLU A 103 -10.52 7.73 3.06
N ASP A 104 -9.55 6.85 3.32
CA ASP A 104 -8.58 6.39 2.30
C ASP A 104 -9.37 5.78 1.15
N GLU A 105 -8.90 5.99 -0.09
CA GLU A 105 -9.67 5.71 -1.32
C GLU A 105 -9.76 4.19 -1.59
N LYS A 106 -8.84 3.40 -1.00
CA LYS A 106 -8.85 1.91 -1.09
C LYS A 106 -9.64 1.32 0.09
N ASN A 107 -10.09 2.17 1.01
CA ASN A 107 -10.94 1.77 2.19
C ASN A 107 -12.36 2.34 2.05
N LYS A 108 -12.56 3.41 1.25
CA LYS A 108 -13.82 4.22 1.21
C LYS A 108 -15.04 3.31 1.00
N ARG A 109 -15.00 2.42 -0.01
CA ARG A 109 -16.12 1.50 -0.35
C ARG A 109 -15.90 0.14 0.32
N GLY A 110 -14.97 0.04 1.27
CA GLY A 110 -14.58 -1.23 1.93
C GLY A 110 -15.36 -1.48 3.19
N GLY A 111 -15.05 -2.59 3.88
CA GLY A 111 -15.61 -2.97 5.18
C GLY A 111 -14.57 -3.71 6.02
N ARG A 112 -15.00 -4.40 7.07
CA ARG A 112 -14.09 -5.16 7.98
C ARG A 112 -14.81 -6.39 8.54
N TRP A 113 -14.09 -7.53 8.60
CA TRP A 113 -14.45 -8.69 9.44
C TRP A 113 -14.02 -8.39 10.88
N LEU A 114 -14.98 -8.28 11.80
CA LEU A 114 -14.73 -7.93 13.23
C LEU A 114 -14.69 -9.20 14.08
N ILE A 115 -13.65 -9.32 14.91
CA ILE A 115 -13.53 -10.32 16.01
C ILE A 115 -13.67 -9.54 17.33
N THR A 116 -14.63 -9.93 18.18
CA THR A 116 -14.95 -9.25 19.47
C THR A 116 -14.48 -10.13 20.62
N LEU A 117 -13.65 -9.58 21.51
CA LEU A 117 -13.05 -10.29 22.67
C LEU A 117 -13.58 -9.66 23.97
N ASN A 118 -13.97 -10.51 24.93
CA ASN A 118 -14.40 -10.10 26.30
C ASN A 118 -13.14 -9.79 27.13
N LYS A 119 -13.32 -9.42 28.40
CA LYS A 119 -12.23 -8.95 29.31
C LYS A 119 -11.28 -10.12 29.64
N GLN A 120 -11.82 -11.33 29.79
CA GLN A 120 -11.06 -12.55 30.21
C GLN A 120 -10.09 -12.98 29.10
N GLN A 121 -10.40 -12.68 27.83
CA GLN A 121 -9.66 -13.19 26.63
C GLN A 121 -8.41 -12.35 26.36
N ARG A 122 -8.22 -11.23 27.07
CA ARG A 122 -7.06 -10.30 26.89
C ARG A 122 -5.74 -11.07 27.06
N ARG A 123 -5.66 -11.97 28.05
CA ARG A 123 -4.43 -12.69 28.44
C ARG A 123 -4.25 -13.96 27.57
N SER A 124 -5.35 -14.61 27.19
CA SER A 124 -5.36 -15.98 26.61
C SER A 124 -5.29 -15.94 25.07
N ASP A 125 -5.97 -14.98 24.42
CA ASP A 125 -6.30 -15.05 22.97
C ASP A 125 -5.84 -13.82 22.19
N LEU A 126 -5.79 -12.62 22.81
CA LEU A 126 -5.57 -11.32 22.10
C LEU A 126 -4.26 -11.36 21.30
N ASP A 127 -3.13 -11.54 21.99
CA ASP A 127 -1.77 -11.52 21.40
C ASP A 127 -1.63 -12.64 20.35
N ARG A 128 -2.26 -13.79 20.61
CA ARG A 128 -2.22 -14.99 19.72
C ARG A 128 -3.02 -14.71 18.45
N PHE A 129 -4.24 -14.17 18.58
CA PHE A 129 -5.15 -13.86 17.44
C PHE A 129 -4.58 -12.73 16.57
N TRP A 130 -3.81 -11.82 17.17
CA TRP A 130 -3.21 -10.65 16.44
C TRP A 130 -2.06 -11.12 15.55
N LEU A 131 -1.15 -11.94 16.10
CA LEU A 131 0.01 -12.52 15.37
C LEU A 131 -0.51 -13.37 14.20
N GLU A 132 -1.57 -14.15 14.44
CA GLU A 132 -2.24 -14.99 13.41
C GLU A 132 -2.79 -14.10 12.30
N THR A 133 -3.28 -12.91 12.64
CA THR A 133 -3.81 -11.90 11.69
C THR A 133 -2.64 -11.28 10.93
N LEU A 134 -1.58 -10.85 11.61
CA LEU A 134 -0.34 -10.31 10.99
C LEU A 134 0.16 -11.33 9.94
N LEU A 135 0.35 -12.59 10.35
CA LEU A 135 0.91 -13.67 9.50
C LEU A 135 0.00 -13.96 8.30
N CYS A 136 -1.32 -13.98 8.52
CA CYS A 136 -2.36 -14.11 7.47
C CYS A 136 -2.13 -13.10 6.36
N LEU A 137 -2.05 -11.81 6.73
CA LEU A 137 -1.88 -10.65 5.80
C LEU A 137 -0.56 -10.78 5.02
N ILE A 138 0.57 -10.79 5.74
CA ILE A 138 1.94 -10.77 5.12
C ILE A 138 2.17 -12.10 4.38
N GLY A 139 1.43 -13.15 4.73
CA GLY A 139 1.51 -14.48 4.11
C GLY A 139 0.67 -14.61 2.85
N GLU A 140 -0.16 -13.61 2.53
CA GLU A 140 -1.04 -13.61 1.33
C GLU A 140 -1.82 -14.92 1.31
N SER A 141 -2.70 -15.11 2.29
CA SER A 141 -3.32 -16.42 2.65
C SER A 141 -4.76 -16.50 2.14
N PHE A 142 -5.14 -15.68 1.16
CA PHE A 142 -6.54 -15.51 0.71
C PHE A 142 -6.67 -15.82 -0.79
N ASP A 143 -5.73 -16.63 -1.31
CA ASP A 143 -5.74 -17.18 -2.70
C ASP A 143 -6.01 -16.04 -3.70
N ASP A 144 -7.09 -16.13 -4.48
CA ASP A 144 -7.44 -15.18 -5.58
C ASP A 144 -7.81 -13.80 -5.03
N TYR A 145 -8.10 -13.68 -3.73
CA TYR A 145 -8.75 -12.48 -3.13
C TYR A 145 -7.83 -11.78 -2.13
N SER A 146 -6.51 -12.02 -2.19
CA SER A 146 -5.51 -11.38 -1.30
C SER A 146 -5.39 -9.89 -1.63
N ASP A 147 -5.68 -9.49 -2.87
CA ASP A 147 -5.59 -8.09 -3.35
C ASP A 147 -6.75 -7.26 -2.77
N ASP A 148 -7.81 -7.89 -2.28
CA ASP A 148 -8.95 -7.20 -1.64
C ASP A 148 -8.56 -6.74 -0.23
N VAL A 149 -7.60 -7.43 0.42
CA VAL A 149 -7.15 -7.11 1.81
C VAL A 149 -6.35 -5.80 1.77
N CYS A 150 -6.78 -4.82 2.58
CA CYS A 150 -6.11 -3.51 2.75
C CYS A 150 -5.15 -3.59 3.95
N GLY A 151 -5.61 -4.16 5.07
CA GLY A 151 -4.83 -4.30 6.30
C GLY A 151 -5.66 -4.92 7.42
N ALA A 152 -5.16 -4.82 8.66
CA ALA A 152 -5.82 -5.33 9.88
C ALA A 152 -5.60 -4.36 11.04
N VAL A 153 -6.54 -4.30 11.97
CA VAL A 153 -6.53 -3.37 13.14
C VAL A 153 -6.82 -4.18 14.41
N VAL A 154 -6.09 -3.89 15.49
CA VAL A 154 -6.40 -4.39 16.86
C VAL A 154 -6.75 -3.16 17.72
N ASN A 155 -7.93 -3.18 18.34
CA ASN A 155 -8.42 -2.13 19.26
C ASN A 155 -8.21 -2.61 20.70
N VAL A 156 -7.51 -1.82 21.53
CA VAL A 156 -7.30 -2.11 22.98
C VAL A 156 -8.22 -1.18 23.78
N ARG A 157 -9.33 -1.73 24.30
CA ARG A 157 -10.41 -0.96 24.97
C ARG A 157 -10.68 -1.57 26.35
N ALA A 158 -11.16 -0.75 27.29
CA ALA A 158 -11.50 -1.13 28.68
C ALA A 158 -12.63 -2.17 28.67
N LYS A 159 -13.70 -1.90 27.91
CA LYS A 159 -14.95 -2.71 27.88
C LYS A 159 -14.67 -4.08 27.23
N GLY A 160 -13.96 -4.12 26.10
CA GLY A 160 -13.68 -5.35 25.35
C GLY A 160 -12.87 -5.08 24.09
N ASP A 161 -11.85 -5.91 23.83
CA ASP A 161 -10.86 -5.74 22.73
C ASP A 161 -11.48 -6.22 21.41
N LYS A 162 -11.02 -5.65 20.29
CA LYS A 162 -11.49 -6.00 18.91
C LYS A 162 -10.28 -6.17 17.98
N ILE A 163 -10.38 -7.14 17.07
CA ILE A 163 -9.45 -7.36 15.92
C ILE A 163 -10.28 -7.36 14.63
N ALA A 164 -9.82 -6.66 13.60
CA ALA A 164 -10.52 -6.51 12.30
C ALA A 164 -9.54 -6.64 11.14
N ILE A 165 -9.90 -7.40 10.10
CA ILE A 165 -9.25 -7.37 8.76
C ILE A 165 -10.11 -6.48 7.85
N TRP A 166 -9.49 -5.43 7.31
CA TRP A 166 -10.12 -4.46 6.37
C TRP A 166 -9.94 -4.96 4.94
N THR A 167 -11.03 -5.04 4.18
CA THR A 167 -11.03 -5.28 2.70
C THR A 167 -11.51 -4.00 2.00
N THR A 168 -11.48 -3.99 0.67
CA THR A 168 -11.53 -2.76 -0.17
C THR A 168 -12.94 -2.55 -0.76
N GLU A 169 -13.70 -3.61 -1.02
CA GLU A 169 -15.06 -3.53 -1.62
CA GLU A 169 -15.06 -3.54 -1.62
C GLU A 169 -16.03 -4.41 -0.83
N CYS A 170 -17.01 -3.78 -0.16
CA CYS A 170 -17.99 -4.46 0.74
C CYS A 170 -19.16 -5.06 -0.06
N GLU A 171 -19.23 -4.83 -1.37
CA GLU A 171 -20.29 -5.37 -2.27
C GLU A 171 -19.77 -6.61 -3.02
N ASN A 172 -18.51 -6.98 -2.83
CA ASN A 172 -17.86 -8.16 -3.47
C ASN A 172 -18.12 -9.40 -2.60
N ARG A 173 -19.32 -9.98 -2.71
CA ARG A 173 -19.78 -11.14 -1.90
C ARG A 173 -18.73 -12.25 -1.93
N GLU A 174 -18.29 -12.67 -3.13
CA GLU A 174 -17.29 -13.76 -3.33
C GLU A 174 -16.03 -13.47 -2.52
N ALA A 175 -15.36 -12.34 -2.78
CA ALA A 175 -14.05 -11.96 -2.18
C ALA A 175 -14.17 -11.85 -0.66
N VAL A 176 -15.22 -11.17 -0.17
CA VAL A 176 -15.43 -10.90 1.28
C VAL A 176 -15.72 -12.23 1.99
N THR A 177 -16.61 -13.06 1.43
CA THR A 177 -17.03 -14.37 2.01
C THR A 177 -15.83 -15.32 2.13
N HIS A 178 -15.00 -15.41 1.08
CA HIS A 178 -13.80 -16.29 1.07
C HIS A 178 -12.81 -15.84 2.15
N ILE A 179 -12.51 -14.54 2.20
CA ILE A 179 -11.55 -13.93 3.17
C ILE A 179 -12.04 -14.22 4.59
N GLY A 180 -13.36 -14.17 4.81
CA GLY A 180 -14.00 -14.47 6.12
C GLY A 180 -13.79 -15.91 6.54
N ARG A 181 -14.13 -16.87 5.68
CA ARG A 181 -14.04 -18.33 5.94
C ARG A 181 -12.58 -18.70 6.26
N VAL A 182 -11.65 -18.27 5.41
CA VAL A 182 -10.18 -18.51 5.55
C VAL A 182 -9.70 -17.96 6.90
N TYR A 183 -10.10 -16.73 7.25
CA TYR A 183 -9.68 -16.01 8.48
C TYR A 183 -10.19 -16.79 9.71
N LYS A 184 -11.48 -17.11 9.74
CA LYS A 184 -12.18 -17.81 10.85
C LYS A 184 -11.48 -19.15 11.15
N GLU A 185 -11.09 -19.89 10.10
CA GLU A 185 -10.39 -21.20 10.22
C GLU A 185 -9.02 -20.99 10.88
N ARG A 186 -8.23 -20.03 10.37
CA ARG A 186 -6.84 -19.75 10.80
C ARG A 186 -6.82 -19.36 12.28
N LEU A 187 -7.88 -18.72 12.78
CA LEU A 187 -8.01 -18.34 14.21
C LEU A 187 -8.43 -19.57 15.05
N GLY A 188 -9.09 -20.55 14.42
CA GLY A 188 -9.48 -21.83 15.05
C GLY A 188 -10.75 -21.71 15.87
N LEU A 189 -11.76 -21.00 15.35
CA LEU A 189 -13.06 -20.74 16.03
C LEU A 189 -14.04 -21.83 15.66
N PRO A 190 -14.85 -22.36 16.61
CA PRO A 190 -15.88 -23.36 16.29
C PRO A 190 -16.88 -22.86 15.25
N PRO A 191 -17.49 -23.78 14.45
CA PRO A 191 -18.51 -23.39 13.46
C PRO A 191 -19.67 -22.58 14.06
N LYS A 192 -20.02 -22.83 15.33
CA LYS A 192 -21.16 -22.19 16.04
C LYS A 192 -20.88 -20.70 16.27
N ILE A 193 -19.62 -20.33 16.55
CA ILE A 193 -19.18 -18.91 16.70
C ILE A 193 -19.34 -18.21 15.35
N VAL A 194 -20.15 -17.15 15.31
CA VAL A 194 -20.49 -16.39 14.06
C VAL A 194 -19.81 -15.01 14.13
N ILE A 195 -19.06 -14.67 13.07
CA ILE A 195 -18.41 -13.33 12.90
C ILE A 195 -19.13 -12.59 11.78
N GLY A 196 -19.19 -11.25 11.89
CA GLY A 196 -19.91 -10.37 10.94
C GLY A 196 -18.95 -9.49 10.16
N TYR A 197 -19.38 -9.04 8.97
CA TYR A 197 -18.64 -8.09 8.11
C TYR A 197 -19.46 -6.80 7.99
N GLN A 198 -18.92 -5.69 8.48
CA GLN A 198 -19.56 -4.34 8.46
C GLN A 198 -18.89 -3.48 7.39
N SER A 199 -19.70 -2.84 6.53
CA SER A 199 -19.30 -1.70 5.68
C SER A 199 -18.83 -0.56 6.58
N HIS A 200 -17.77 0.15 6.19
CA HIS A 200 -17.24 1.36 6.87
C HIS A 200 -18.28 2.47 6.85
N ALA A 201 -19.09 2.54 5.78
CA ALA A 201 -20.20 3.51 5.59
C ALA A 201 -21.31 3.24 6.61
N ASP A 202 -21.56 1.97 6.95
CA ASP A 202 -22.54 1.55 7.99
C ASP A 202 -22.02 1.94 9.38
N THR A 203 -20.72 1.76 9.62
CA THR A 203 -20.06 2.00 10.93
C THR A 203 -20.01 3.50 11.22
N ALA A 204 -19.99 4.35 10.18
CA ALA A 204 -19.90 5.82 10.28
C ALA A 204 -21.30 6.42 10.48
N THR A 205 -21.98 6.05 11.57
CA THR A 205 -23.31 6.59 11.99
C THR A 205 -23.40 6.54 13.53
N LYS A 212 -25.14 -3.88 12.56
CA LYS A 212 -25.65 -4.21 11.19
C LYS A 212 -24.48 -4.67 10.30
N ASN A 213 -24.54 -5.93 9.84
CA ASN A 213 -23.51 -6.55 8.97
C ASN A 213 -24.06 -6.70 7.55
N ARG A 214 -23.17 -6.73 6.56
CA ARG A 214 -23.50 -7.02 5.14
C ARG A 214 -23.42 -8.55 4.93
N PHE A 215 -22.58 -9.24 5.71
CA PHE A 215 -22.37 -10.71 5.62
C PHE A 215 -22.08 -11.30 7.01
N VAL A 216 -22.30 -12.61 7.16
CA VAL A 216 -21.93 -13.42 8.36
C VAL A 216 -21.36 -14.76 7.89
N VAL A 217 -20.48 -15.36 8.68
CA VAL A 217 -19.75 -16.61 8.33
C VAL A 217 -19.37 -17.36 9.61
N SER B 2 24.42 -11.83 16.01
CA SER B 2 25.55 -11.20 15.26
C SER B 2 25.22 -11.18 13.76
N GLU B 3 26.23 -11.37 12.88
CA GLU B 3 26.08 -11.45 11.40
C GLU B 3 25.63 -12.88 11.05
N VAL B 4 24.34 -13.15 11.22
CA VAL B 4 23.72 -14.51 11.11
C VAL B 4 24.01 -15.10 9.73
N GLN B 5 24.22 -16.42 9.66
CA GLN B 5 24.42 -17.16 8.38
C GLN B 5 24.02 -18.63 8.56
N LEU B 6 23.33 -19.19 7.56
CA LEU B 6 22.99 -20.64 7.42
C LEU B 6 23.39 -21.07 6.02
N VAL B 7 24.48 -21.85 5.89
CA VAL B 7 25.06 -22.29 4.58
C VAL B 7 24.90 -23.81 4.46
N GLU B 8 23.98 -24.26 3.61
CA GLU B 8 23.71 -25.70 3.33
C GLU B 8 24.62 -26.15 2.19
N SER B 9 25.06 -27.41 2.20
CA SER B 9 25.87 -28.04 1.13
C SER B 9 25.81 -29.57 1.26
N GLY B 10 26.44 -30.28 0.31
CA GLY B 10 26.48 -31.75 0.26
C GLY B 10 25.49 -32.32 -0.75
N GLY B 11 24.63 -31.48 -1.30
CA GLY B 11 23.60 -31.87 -2.27
C GLY B 11 24.21 -32.21 -3.62
N GLY B 12 23.53 -33.08 -4.39
CA GLY B 12 23.98 -33.50 -5.74
C GLY B 12 23.05 -34.51 -6.37
N LEU B 13 23.57 -35.24 -7.36
CA LEU B 13 22.84 -36.27 -8.15
C LEU B 13 23.16 -37.66 -7.57
N VAL B 14 22.14 -38.46 -7.28
CA VAL B 14 22.26 -39.86 -6.77
C VAL B 14 21.33 -40.76 -7.59
N GLN B 15 21.65 -42.05 -7.65
CA GLN B 15 20.78 -43.10 -8.25
C GLN B 15 19.73 -43.49 -7.23
N PRO B 16 18.58 -44.08 -7.63
CA PRO B 16 17.55 -44.50 -6.68
C PRO B 16 18.09 -45.55 -5.70
N GLY B 17 17.92 -45.30 -4.39
CA GLY B 17 18.41 -46.17 -3.30
C GLY B 17 19.72 -45.66 -2.71
N GLY B 18 20.37 -44.69 -3.38
CA GLY B 18 21.66 -44.11 -2.98
C GLY B 18 21.57 -43.29 -1.71
N SER B 19 22.70 -42.70 -1.28
CA SER B 19 22.84 -42.00 0.02
C SER B 19 23.75 -40.76 -0.11
N LEU B 20 23.44 -39.73 0.67
CA LEU B 20 24.21 -38.46 0.78
C LEU B 20 24.12 -37.94 2.21
N ARG B 21 25.12 -37.18 2.65
CA ARG B 21 25.10 -36.39 3.91
C ARG B 21 25.09 -34.90 3.56
N LEU B 22 24.07 -34.18 4.02
CA LEU B 22 23.98 -32.70 3.88
C LEU B 22 24.60 -32.07 5.12
N SER B 23 25.20 -30.89 4.95
CA SER B 23 25.81 -30.06 6.02
C SER B 23 25.12 -28.69 6.02
N SER B 24 25.15 -28.01 7.17
CA SER B 24 24.76 -26.58 7.30
C SER B 24 25.66 -25.92 8.34
N ALA B 25 26.57 -25.06 7.89
CA ALA B 25 27.46 -24.23 8.72
C ALA B 25 26.70 -22.95 9.11
N ILE B 26 26.41 -22.79 10.41
CA ILE B 26 25.60 -21.67 10.96
C ILE B 26 26.52 -20.69 11.70
N SER B 27 26.33 -19.39 11.47
CA SER B 27 27.09 -18.27 12.09
C SER B 27 26.12 -17.30 12.77
N GLY B 28 26.58 -16.58 13.80
CA GLY B 28 25.87 -15.46 14.43
C GLY B 28 24.96 -15.86 15.58
N PHE B 29 24.70 -17.16 15.75
CA PHE B 29 23.98 -17.70 16.93
C PHE B 29 24.37 -19.17 17.13
N SER B 30 24.47 -19.60 18.39
CA SER B 30 24.86 -20.97 18.81
C SER B 30 23.69 -21.93 18.57
N ILE B 31 23.95 -23.11 18.02
CA ILE B 31 22.88 -24.10 17.65
C ILE B 31 22.28 -24.74 18.92
N SER B 32 22.95 -24.62 20.06
CA SER B 32 22.49 -25.13 21.38
C SER B 32 21.60 -24.10 22.10
N SER B 33 21.37 -22.94 21.49
CA SER B 33 20.49 -21.86 22.04
C SER B 33 19.04 -22.06 21.60
N THR B 34 18.80 -22.92 20.60
CA THR B 34 17.49 -23.07 19.91
C THR B 34 17.43 -24.43 19.22
N SER B 35 16.33 -24.70 18.50
CA SER B 35 16.13 -25.89 17.66
C SER B 35 16.32 -25.51 16.19
N ILE B 36 17.04 -26.33 15.43
CA ILE B 36 17.31 -26.12 13.98
C ILE B 36 16.49 -27.15 13.19
N ASP B 37 15.81 -26.68 12.13
CA ASP B 37 14.92 -27.49 11.27
C ASP B 37 15.56 -27.63 9.88
N TRP B 38 15.62 -28.86 9.37
CA TRP B 38 15.71 -29.16 7.92
C TRP B 38 14.31 -29.11 7.34
N VAL B 39 14.14 -28.41 6.21
CA VAL B 39 12.87 -28.37 5.40
C VAL B 39 13.26 -28.44 3.92
N ARG B 40 12.40 -29.02 3.09
CA ARG B 40 12.65 -29.19 1.64
C ARG B 40 11.49 -28.63 0.82
N GLN B 41 11.79 -28.20 -0.40
CA GLN B 41 10.83 -27.72 -1.42
C GLN B 41 10.98 -28.58 -2.68
N ALA B 42 10.03 -29.49 -2.92
CA ALA B 42 9.94 -30.33 -4.14
C ALA B 42 9.57 -29.44 -5.32
N PRO B 43 9.98 -29.80 -6.57
CA PRO B 43 9.66 -28.99 -7.75
C PRO B 43 8.17 -28.62 -7.84
N GLY B 44 7.89 -27.30 -7.85
CA GLY B 44 6.56 -26.71 -8.00
C GLY B 44 5.59 -27.18 -6.93
N LYS B 45 6.06 -27.39 -5.69
CA LYS B 45 5.22 -27.80 -4.54
C LYS B 45 5.74 -27.11 -3.26
N GLY B 46 4.92 -27.09 -2.21
CA GLY B 46 5.11 -26.27 -1.00
C GLY B 46 6.25 -26.76 -0.12
N LEU B 47 6.58 -25.98 0.91
CA LEU B 47 7.68 -26.27 1.87
C LEU B 47 7.25 -27.41 2.79
N GLU B 48 8.12 -28.41 2.97
CA GLU B 48 7.84 -29.67 3.70
C GLU B 48 8.86 -29.84 4.84
N TRP B 49 8.40 -29.99 6.08
CA TRP B 49 9.25 -30.25 7.26
C TRP B 49 9.83 -31.68 7.18
N VAL B 50 11.12 -31.83 7.51
CA VAL B 50 11.90 -33.08 7.35
C VAL B 50 12.25 -33.62 8.74
N ALA B 51 12.94 -32.81 9.55
CA ALA B 51 13.50 -33.19 10.86
C ALA B 51 13.89 -31.95 11.67
N ARG B 52 13.87 -32.07 13.01
CA ARG B 52 14.24 -31.02 13.99
C ARG B 52 15.34 -31.56 14.90
N ILE B 53 16.23 -30.70 15.39
CA ILE B 53 17.28 -31.06 16.39
C ILE B 53 17.42 -29.91 17.41
N SER B 54 17.38 -30.25 18.70
CA SER B 54 17.67 -29.34 19.85
C SER B 54 19.00 -29.76 20.48
N PRO B 55 20.16 -29.34 19.91
CA PRO B 55 21.48 -29.77 20.39
C PRO B 55 21.74 -29.61 21.90
N SER B 56 21.04 -28.69 22.56
CA SER B 56 21.10 -28.48 24.03
C SER B 56 20.82 -29.80 24.75
N SER B 57 19.80 -30.55 24.30
CA SER B 57 19.38 -31.85 24.90
C SER B 57 19.68 -33.02 23.95
N GLY B 58 19.96 -32.75 22.67
CA GLY B 58 20.15 -33.77 21.62
C GLY B 58 18.86 -34.47 21.26
N SER B 59 17.70 -33.88 21.60
CA SER B 59 16.36 -34.41 21.25
C SER B 59 16.08 -34.09 19.77
N THR B 60 15.41 -35.00 19.07
CA THR B 60 15.10 -34.93 17.62
C THR B 60 13.67 -35.41 17.37
N SER B 61 13.12 -35.08 16.20
CA SER B 61 11.85 -35.62 15.66
C SER B 61 11.90 -35.54 14.13
N TYR B 62 11.21 -36.48 13.46
CA TYR B 62 11.26 -36.66 11.99
C TYR B 62 9.81 -36.64 11.45
N ALA B 63 9.63 -36.09 10.25
CA ALA B 63 8.39 -36.25 9.46
C ALA B 63 8.20 -37.75 9.18
N ASP B 64 6.95 -38.23 9.22
CA ASP B 64 6.58 -39.66 8.99
C ASP B 64 7.13 -40.14 7.64
N SER B 65 7.24 -39.23 6.65
CA SER B 65 7.72 -39.52 5.27
C SER B 65 9.19 -39.97 5.25
N VAL B 66 10.00 -39.58 6.25
CA VAL B 66 11.48 -39.84 6.27
C VAL B 66 11.89 -40.73 7.45
N LYS B 67 10.96 -41.12 8.33
CA LYS B 67 11.27 -41.98 9.51
C LYS B 67 11.92 -43.29 9.04
N GLY B 68 13.05 -43.66 9.64
CA GLY B 68 13.78 -44.92 9.36
C GLY B 68 14.92 -44.71 8.37
N ARG B 69 14.84 -43.70 7.51
CA ARG B 69 15.77 -43.48 6.37
C ARG B 69 16.72 -42.31 6.67
N PHE B 70 16.23 -41.25 7.30
CA PHE B 70 16.96 -39.98 7.54
C PHE B 70 17.38 -39.90 9.01
N THR B 71 18.57 -39.34 9.26
CA THR B 71 19.13 -39.05 10.61
C THR B 71 19.61 -37.59 10.65
N ILE B 72 19.12 -36.81 11.62
CA ILE B 72 19.60 -35.42 11.92
C ILE B 72 20.63 -35.52 13.04
N SER B 73 21.72 -34.75 12.95
CA SER B 73 22.81 -34.70 13.94
C SER B 73 23.42 -33.30 13.97
N ALA B 74 24.42 -33.09 14.83
CA ALA B 74 25.08 -31.78 15.04
C ALA B 74 26.50 -32.01 15.54
N ASP B 75 27.44 -31.17 15.08
CA ASP B 75 28.80 -31.01 15.69
C ASP B 75 28.80 -29.65 16.39
N THR B 76 28.59 -29.63 17.71
CA THR B 76 28.37 -28.39 18.51
C THR B 76 29.65 -27.55 18.53
N SER B 77 30.83 -28.17 18.42
CA SER B 77 32.14 -27.47 18.39
C SER B 77 32.24 -26.62 17.11
N LYS B 78 31.74 -27.15 15.97
CA LYS B 78 31.81 -26.51 14.63
C LYS B 78 30.55 -25.68 14.34
N ASN B 79 29.53 -25.76 15.20
CA ASN B 79 28.23 -25.04 15.02
C ASN B 79 27.63 -25.44 13.65
N THR B 80 27.61 -26.75 13.36
CA THR B 80 27.13 -27.33 12.08
C THR B 80 26.07 -28.40 12.38
N VAL B 81 24.98 -28.44 11.60
CA VAL B 81 23.95 -29.54 11.64
C VAL B 81 24.06 -30.34 10.35
N TYR B 82 23.82 -31.65 10.43
CA TYR B 82 23.92 -32.61 9.31
C TYR B 82 22.58 -33.34 9.15
N LEU B 83 22.33 -33.88 7.96
CA LEU B 83 21.20 -34.78 7.66
C LEU B 83 21.75 -35.95 6.83
N GLN B 84 21.81 -37.14 7.44
CA GLN B 84 22.20 -38.40 6.74
C GLN B 84 20.95 -38.97 6.07
N MET B 85 21.02 -39.18 4.76
CA MET B 85 19.88 -39.67 3.93
C MET B 85 20.27 -40.99 3.25
N ASN B 86 19.46 -42.03 3.44
CA ASN B 86 19.62 -43.36 2.79
C ASN B 86 18.32 -43.73 2.05
N SER B 87 18.41 -44.64 1.09
CA SER B 87 17.26 -45.22 0.34
C SER B 87 16.48 -44.09 -0.37
N LEU B 88 17.22 -43.21 -1.04
CA LEU B 88 16.65 -42.00 -1.70
C LEU B 88 15.83 -42.41 -2.91
N ARG B 89 14.79 -41.63 -3.23
CA ARG B 89 13.83 -41.87 -4.33
C ARG B 89 13.21 -40.53 -4.77
N ALA B 90 12.36 -40.55 -5.80
CA ALA B 90 11.73 -39.36 -6.43
C ALA B 90 11.09 -38.47 -5.35
N GLU B 91 10.46 -39.09 -4.35
CA GLU B 91 9.81 -38.45 -3.17
C GLU B 91 10.75 -37.40 -2.54
N ASP B 92 12.05 -37.70 -2.50
CA ASP B 92 13.06 -36.95 -1.70
C ASP B 92 13.76 -35.91 -2.58
N THR B 93 13.49 -35.88 -3.89
CA THR B 93 14.03 -34.86 -4.84
C THR B 93 13.49 -33.49 -4.44
N ALA B 94 14.36 -32.58 -4.01
CA ALA B 94 14.01 -31.21 -3.56
C ALA B 94 15.28 -30.40 -3.30
N VAL B 95 15.12 -29.10 -3.06
CA VAL B 95 16.14 -28.22 -2.41
C VAL B 95 15.94 -28.37 -0.90
N TYR B 96 17.03 -28.52 -0.14
CA TYR B 96 17.01 -28.71 1.34
C TYR B 96 17.57 -27.44 2.01
N TYR B 97 16.79 -26.88 2.94
CA TYR B 97 17.11 -25.66 3.73
C TYR B 97 17.26 -26.05 5.20
N THR B 98 18.14 -25.37 5.93
CA THR B 98 18.09 -25.26 7.41
C THR B 98 17.44 -23.91 7.75
N GLY B 99 16.61 -23.90 8.79
CA GLY B 99 15.89 -22.70 9.26
C GLY B 99 15.67 -22.72 10.75
N ARG B 100 15.62 -21.55 11.37
CA ARG B 100 15.20 -21.35 12.78
C ARG B 100 13.77 -20.84 12.76
N VAL B 101 12.84 -21.58 13.38
CA VAL B 101 11.43 -21.13 13.58
C VAL B 101 11.46 -19.90 14.49
N ALA B 102 10.63 -18.91 14.21
CA ALA B 102 10.54 -17.63 14.96
C ALA B 102 10.16 -17.92 16.41
N LYS B 103 10.64 -17.08 17.34
CA LYS B 103 10.50 -17.24 18.81
C LYS B 103 9.03 -17.42 19.17
N ALA B 104 8.16 -16.56 18.64
CA ALA B 104 6.71 -16.48 18.98
C ALA B 104 5.97 -17.76 18.56
N LEU B 105 6.57 -18.61 17.72
CA LEU B 105 5.90 -19.79 17.10
C LEU B 105 6.50 -21.11 17.60
N ASN B 106 7.56 -21.08 18.42
CA ASN B 106 8.32 -22.31 18.80
C ASN B 106 7.53 -23.14 19.83
N SER B 107 6.41 -22.61 20.35
CA SER B 107 5.44 -23.36 21.18
C SER B 107 4.71 -24.40 20.33
N ARG B 108 4.40 -24.06 19.07
CA ARG B 108 3.68 -24.93 18.10
C ARG B 108 4.70 -25.90 17.47
N SER B 109 4.23 -27.08 17.04
CA SER B 109 5.07 -28.13 16.40
C SER B 109 5.61 -27.64 15.07
N PRO B 110 6.74 -28.19 14.56
CA PRO B 110 7.31 -27.74 13.30
C PRO B 110 6.48 -28.12 12.07
N SER B 111 5.80 -29.28 12.12
CA SER B 111 4.85 -29.75 11.08
C SER B 111 3.75 -28.70 10.87
N PHE B 112 3.24 -28.13 11.97
CA PHE B 112 2.17 -27.09 11.97
C PHE B 112 2.72 -25.78 11.40
N VAL B 113 3.83 -25.29 11.96
CA VAL B 113 4.49 -24.02 11.56
C VAL B 113 4.71 -24.03 10.04
N VAL B 114 5.20 -25.15 9.49
CA VAL B 114 5.61 -25.26 8.06
C VAL B 114 4.37 -25.43 7.16
N ASN B 115 3.34 -26.16 7.61
CA ASN B 115 2.11 -26.40 6.80
C ASN B 115 1.26 -25.13 6.75
N THR B 116 1.26 -24.33 7.82
CA THR B 116 0.35 -23.17 8.02
C THR B 116 1.02 -21.87 7.55
N TYR B 117 2.27 -21.61 7.96
CA TYR B 117 2.98 -20.33 7.73
C TYR B 117 4.04 -20.46 6.62
N SER B 118 4.51 -21.68 6.33
CA SER B 118 5.54 -21.97 5.30
C SER B 118 6.78 -21.10 5.55
N SER B 119 7.26 -20.36 4.54
CA SER B 119 8.53 -19.60 4.57
C SER B 119 8.52 -18.53 5.67
N ILE B 120 7.34 -17.99 5.99
CA ILE B 120 7.14 -16.82 6.90
C ILE B 120 7.21 -17.28 8.37
N GLY B 121 7.27 -18.58 8.63
CA GLY B 121 7.45 -19.14 9.99
C GLY B 121 8.88 -19.06 10.49
N PHE B 122 9.85 -18.86 9.58
CA PHE B 122 11.30 -18.87 9.88
C PHE B 122 11.84 -17.44 9.96
N ASP B 123 12.44 -17.07 11.10
CA ASP B 123 13.09 -15.74 11.29
C ASP B 123 14.47 -15.76 10.60
N TYR B 124 15.03 -16.95 10.39
CA TYR B 124 16.26 -17.18 9.58
C TYR B 124 16.15 -18.52 8.84
N ARG B 125 16.63 -18.56 7.59
CA ARG B 125 16.64 -19.76 6.71
C ARG B 125 17.66 -19.54 5.60
N GLY B 126 18.44 -20.57 5.25
CA GLY B 126 19.49 -20.50 4.21
C GLY B 126 18.90 -20.56 2.82
N GLN B 127 19.75 -20.49 1.79
CA GLN B 127 19.37 -20.51 0.36
C GLN B 127 19.30 -21.96 -0.15
N GLY B 128 19.87 -22.90 0.61
CA GLY B 128 19.61 -24.34 0.45
C GLY B 128 20.61 -25.02 -0.49
N THR B 129 20.56 -26.36 -0.53
CA THR B 129 21.35 -27.24 -1.42
C THR B 129 20.40 -28.21 -2.10
N LEU B 130 20.63 -28.47 -3.40
CA LEU B 130 19.74 -29.28 -4.27
C LEU B 130 20.08 -30.77 -4.09
N VAL B 131 19.06 -31.61 -3.95
CA VAL B 131 19.18 -33.10 -4.00
C VAL B 131 18.27 -33.61 -5.11
N THR B 132 18.85 -34.18 -6.16
CA THR B 132 18.14 -34.86 -7.28
C THR B 132 18.38 -36.37 -7.18
N VAL B 133 17.31 -37.16 -7.34
CA VAL B 133 17.34 -38.65 -7.31
C VAL B 133 17.00 -39.18 -8.71
N SER B 134 18.02 -39.56 -9.50
CA SER B 134 17.89 -40.30 -10.78
C SER B 134 19.26 -40.77 -11.26
N HIS C 33 -26.15 15.98 -2.04
CA HIS C 33 -25.91 14.51 -2.01
C HIS C 33 -24.53 14.15 -2.59
N TYR C 34 -23.92 15.03 -3.40
CA TYR C 34 -22.58 14.79 -4.02
C TYR C 34 -21.51 14.67 -2.92
N ILE C 35 -20.73 13.59 -2.96
CA ILE C 35 -19.71 13.25 -1.94
C ILE C 35 -18.33 13.64 -2.47
N LYS C 36 -17.70 14.63 -1.81
CA LYS C 36 -16.37 15.17 -2.17
C LYS C 36 -15.29 14.13 -1.87
N HIS C 37 -14.12 14.28 -2.49
CA HIS C 37 -12.94 13.39 -2.35
C HIS C 37 -11.91 14.06 -1.44
N PRO C 38 -11.87 13.70 -0.13
CA PRO C 38 -10.95 14.35 0.82
C PRO C 38 -9.48 14.04 0.51
N LEU C 39 -8.63 15.06 0.68
CA LEU C 39 -7.16 14.96 0.53
C LEU C 39 -6.56 14.36 1.80
N GLN C 40 -5.29 13.95 1.75
CA GLN C 40 -4.58 13.32 2.89
C GLN C 40 -4.31 14.37 3.97
N ASN C 41 -4.19 15.64 3.59
CA ASN C 41 -3.83 16.77 4.48
C ASN C 41 -4.74 17.96 4.19
N ARG C 42 -4.89 18.86 5.18
CA ARG C 42 -5.55 20.18 5.03
C ARG C 42 -4.49 21.20 4.64
N TRP C 43 -4.78 22.03 3.62
CA TRP C 43 -3.83 22.99 3.00
C TRP C 43 -4.38 24.41 3.10
N ALA C 44 -3.49 25.40 3.22
CA ALA C 44 -3.80 26.84 3.24
C ALA C 44 -3.00 27.54 2.13
N LEU C 45 -3.70 28.25 1.24
CA LEU C 45 -3.09 29.10 0.19
C LEU C 45 -2.91 30.51 0.77
N TRP C 46 -1.69 31.07 0.64
CA TRP C 46 -1.32 32.41 1.16
C TRP C 46 -0.94 33.33 0.00
N PHE C 47 -1.09 34.64 0.20
CA PHE C 47 -0.61 35.72 -0.68
C PHE C 47 0.23 36.69 0.16
N PHE C 48 1.39 37.11 -0.36
CA PHE C 48 2.39 37.95 0.34
C PHE C 48 2.74 39.16 -0.52
N GLN C 57 6.01 40.15 7.57
CA GLN C 57 4.93 39.16 7.78
C GLN C 57 3.66 39.86 8.30
N ALA C 58 3.35 41.05 7.77
CA ALA C 58 2.08 41.78 7.95
C ALA C 58 1.40 41.97 6.58
N ASN C 59 2.07 41.53 5.51
CA ASN C 59 1.55 41.50 4.11
C ASN C 59 0.88 40.15 3.85
N LEU C 60 1.42 39.08 4.46
CA LEU C 60 0.87 37.71 4.42
C LEU C 60 -0.63 37.73 4.71
N ARG C 61 -1.46 37.24 3.79
CA ARG C 61 -2.92 37.06 3.99
C ARG C 61 -3.31 35.65 3.52
N LEU C 62 -4.19 34.99 4.29
CA LEU C 62 -4.81 33.69 3.95
C LEU C 62 -5.83 33.91 2.84
N ILE C 63 -5.70 33.18 1.72
CA ILE C 63 -6.68 33.19 0.59
C ILE C 63 -7.82 32.23 0.93
N SER C 64 -7.49 30.96 1.21
CA SER C 64 -8.46 29.93 1.66
C SER C 64 -7.72 28.70 2.19
N LYS C 65 -8.40 27.89 3.00
CA LYS C 65 -8.00 26.51 3.39
C LYS C 65 -8.94 25.52 2.68
N PHE C 66 -8.45 24.32 2.36
CA PHE C 66 -9.18 23.25 1.64
C PHE C 66 -8.62 21.88 2.01
N ASP C 67 -9.48 20.85 2.03
CA ASP C 67 -9.14 19.45 2.38
C ASP C 67 -9.88 18.46 1.48
N THR C 68 -10.32 18.88 0.29
CA THR C 68 -10.96 18.00 -0.73
C THR C 68 -10.49 18.41 -2.13
N VAL C 69 -10.55 17.49 -3.10
CA VAL C 69 -10.08 17.69 -4.50
C VAL C 69 -10.95 18.76 -5.17
N GLU C 70 -12.26 18.76 -4.88
CA GLU C 70 -13.26 19.69 -5.48
C GLU C 70 -12.99 21.12 -5.01
N ASP C 71 -12.79 21.31 -3.69
CA ASP C 71 -12.60 22.63 -3.05
C ASP C 71 -11.26 23.24 -3.52
N PHE C 72 -10.29 22.41 -3.91
CA PHE C 72 -9.01 22.87 -4.50
C PHE C 72 -9.28 23.51 -5.87
N TRP C 73 -9.93 22.79 -6.77
CA TRP C 73 -10.24 23.23 -8.16
C TRP C 73 -11.14 24.47 -8.15
N ALA C 74 -12.11 24.52 -7.23
CA ALA C 74 -13.00 25.70 -7.00
C ALA C 74 -12.13 26.93 -6.69
N LEU C 75 -11.13 26.77 -5.81
CA LEU C 75 -10.17 27.85 -5.44
C LEU C 75 -9.36 28.25 -6.67
N TYR C 76 -8.72 27.29 -7.34
CA TYR C 76 -7.77 27.52 -8.45
C TYR C 76 -8.46 28.28 -9.60
N ASN C 77 -9.72 27.97 -9.89
CA ASN C 77 -10.49 28.52 -11.05
C ASN C 77 -11.06 29.91 -10.71
N HIS C 78 -10.78 30.45 -9.51
CA HIS C 78 -11.33 31.75 -9.05
C HIS C 78 -10.24 32.62 -8.39
N ILE C 79 -8.97 32.36 -8.69
CA ILE C 79 -7.82 33.20 -8.22
C ILE C 79 -6.93 33.52 -9.43
N GLN C 80 -6.24 34.65 -9.40
CA GLN C 80 -5.37 35.12 -10.52
C GLN C 80 -4.29 34.08 -10.79
N LEU C 81 -3.93 33.90 -12.06
CA LEU C 81 -2.74 33.12 -12.49
C LEU C 81 -1.48 33.81 -11.96
N SER C 82 -0.41 33.05 -11.70
CA SER C 82 0.90 33.54 -11.19
C SER C 82 1.52 34.51 -12.21
N SER C 83 1.37 34.20 -13.50
CA SER C 83 1.89 35.01 -14.65
C SER C 83 1.28 36.41 -14.65
N ASN C 84 0.09 36.58 -14.06
CA ASN C 84 -0.69 37.86 -14.04
C ASN C 84 -0.45 38.64 -12.74
N LEU C 85 0.19 38.03 -11.73
CA LEU C 85 0.46 38.67 -10.42
C LEU C 85 1.46 39.82 -10.60
N MET C 86 1.34 40.86 -9.76
CA MET C 86 2.20 42.07 -9.76
C MET C 86 3.59 41.69 -9.22
N PRO C 87 4.70 42.07 -9.93
CA PRO C 87 6.05 41.84 -9.42
C PRO C 87 6.24 42.16 -7.93
N GLY C 88 6.98 41.30 -7.22
CA GLY C 88 7.25 41.41 -5.77
C GLY C 88 6.13 40.84 -4.92
N CYS C 89 5.39 39.85 -5.45
CA CYS C 89 4.27 39.16 -4.76
C CYS C 89 4.40 37.63 -4.92
N ASP C 90 3.91 36.89 -3.93
CA ASP C 90 4.07 35.41 -3.82
C ASP C 90 2.71 34.75 -3.59
N TYR C 91 2.48 33.59 -4.21
CA TYR C 91 1.53 32.55 -3.74
C TYR C 91 2.33 31.52 -2.93
N SER C 92 1.74 31.02 -1.84
CA SER C 92 2.30 29.95 -0.98
C SER C 92 1.20 28.93 -0.70
N LEU C 93 1.45 27.64 -0.96
CA LEU C 93 0.62 26.53 -0.45
C LEU C 93 1.41 25.79 0.62
N PHE C 94 0.89 25.75 1.85
CA PHE C 94 1.52 25.13 3.04
C PHE C 94 0.47 24.32 3.81
N LYS C 95 0.90 23.22 4.43
CA LYS C 95 0.03 22.34 5.26
C LYS C 95 -0.57 23.18 6.40
N ASP C 96 -1.78 22.84 6.81
CA ASP C 96 -2.52 23.53 7.91
C ASP C 96 -1.65 23.51 9.17
N GLY C 97 -1.44 24.68 9.79
CA GLY C 97 -0.67 24.83 11.03
C GLY C 97 0.80 25.14 10.79
N ILE C 98 1.20 25.37 9.53
CA ILE C 98 2.60 25.74 9.13
C ILE C 98 2.56 27.10 8.43
N GLU C 99 3.09 28.15 9.08
CA GLU C 99 3.25 29.50 8.49
C GLU C 99 4.23 29.41 7.32
N PRO C 100 4.00 30.11 6.20
CA PRO C 100 4.95 30.12 5.08
C PRO C 100 6.15 31.04 5.38
N MET C 101 6.75 30.86 6.56
CA MET C 101 7.86 31.67 7.12
C MET C 101 8.92 30.70 7.64
N TRP C 102 10.20 30.95 7.33
CA TRP C 102 11.31 29.98 7.57
C TRP C 102 11.59 29.83 9.08
N GLU C 103 11.14 30.78 9.91
CA GLU C 103 11.35 30.76 11.38
C GLU C 103 10.22 29.98 12.07
N ASP C 104 9.24 29.49 11.32
CA ASP C 104 8.30 28.42 11.78
C ASP C 104 9.15 27.22 12.21
N GLU C 105 8.74 26.51 13.25
CA GLU C 105 9.52 25.39 13.86
C GLU C 105 9.61 24.21 12.89
N LYS C 106 8.67 24.09 11.95
CA LYS C 106 8.64 22.99 10.94
C LYS C 106 9.41 23.41 9.69
N ASN C 107 9.86 24.66 9.62
CA ASN C 107 10.71 25.20 8.52
C ASN C 107 12.11 25.60 9.05
N LYS C 108 12.26 25.81 10.36
CA LYS C 108 13.48 26.35 11.02
C LYS C 108 14.74 25.62 10.51
N ARG C 109 14.74 24.29 10.55
CA ARG C 109 15.89 23.42 10.18
C ARG C 109 15.77 22.95 8.73
N GLY C 110 14.87 23.56 7.95
CA GLY C 110 14.47 23.08 6.61
C GLY C 110 15.28 23.70 5.49
N GLY C 111 14.85 23.45 4.25
CA GLY C 111 15.39 24.07 3.03
C GLY C 111 14.38 24.05 1.91
N ARG C 112 14.81 24.38 0.69
CA ARG C 112 13.90 24.45 -0.49
C ARG C 112 14.65 23.98 -1.74
N TRP C 113 14.00 23.11 -2.53
CA TRP C 113 14.36 22.85 -3.95
C TRP C 113 13.94 24.08 -4.75
N LEU C 114 14.89 24.69 -5.47
CA LEU C 114 14.69 25.99 -6.14
C LEU C 114 14.65 25.78 -7.66
N ILE C 115 13.63 26.34 -8.32
CA ILE C 115 13.47 26.36 -9.82
C ILE C 115 13.63 27.82 -10.26
N THR C 116 14.58 28.09 -11.15
CA THR C 116 14.91 29.44 -11.68
C THR C 116 14.31 29.60 -13.07
N LEU C 117 13.54 30.66 -13.29
CA LEU C 117 12.88 30.98 -14.59
C LEU C 117 13.36 32.36 -15.07
N ASN C 118 13.87 32.42 -16.31
CA ASN C 118 14.20 33.69 -17.02
C ASN C 118 12.87 34.34 -17.45
N LYS C 119 12.94 35.49 -18.12
CA LYS C 119 11.76 36.33 -18.48
C LYS C 119 10.95 35.64 -19.59
N GLN C 120 11.59 34.84 -20.43
CA GLN C 120 10.97 34.08 -21.55
C GLN C 120 9.96 33.05 -21.00
N GLN C 121 10.20 32.52 -19.80
CA GLN C 121 9.47 31.37 -19.22
C GLN C 121 8.23 31.84 -18.43
N ARG C 122 8.07 33.16 -18.21
CA ARG C 122 6.94 33.74 -17.43
C ARG C 122 5.60 33.32 -18.06
N ARG C 123 5.52 33.32 -19.40
CA ARG C 123 4.25 33.10 -20.15
C ARG C 123 4.08 31.61 -20.47
N SER C 124 5.18 30.87 -20.69
CA SER C 124 5.19 29.52 -21.29
C SER C 124 5.33 28.41 -20.23
N ASP C 125 5.99 28.69 -19.09
CA ASP C 125 6.43 27.65 -18.11
C ASP C 125 5.92 27.93 -16.68
N LEU C 126 5.75 29.20 -16.29
CA LEU C 126 5.51 29.60 -14.87
C LEU C 126 4.21 28.99 -14.35
N ASP C 127 3.09 29.25 -15.02
CA ASP C 127 1.74 28.81 -14.59
C ASP C 127 1.66 27.27 -14.64
N ARG C 128 2.24 26.67 -15.68
CA ARG C 128 2.27 25.18 -15.88
C ARG C 128 3.04 24.53 -14.72
N PHE C 129 4.24 25.03 -14.41
CA PHE C 129 5.15 24.49 -13.38
C PHE C 129 4.54 24.63 -11.98
N TRP C 130 3.81 25.73 -11.72
CA TRP C 130 3.21 26.04 -10.40
C TRP C 130 2.02 25.11 -10.12
N LEU C 131 1.20 24.81 -11.14
CA LEU C 131 0.05 23.89 -11.01
C LEU C 131 0.58 22.47 -10.74
N GLU C 132 1.65 22.08 -11.43
CA GLU C 132 2.30 20.76 -11.25
C GLU C 132 2.81 20.66 -9.81
N THR C 133 3.32 21.75 -9.25
CA THR C 133 3.83 21.85 -7.86
C THR C 133 2.65 21.70 -6.89
N LEU C 134 1.58 22.49 -7.09
CA LEU C 134 0.34 22.41 -6.28
C LEU C 134 -0.14 20.95 -6.23
N LEU C 135 -0.21 20.29 -7.39
CA LEU C 135 -0.77 18.92 -7.55
C LEU C 135 0.16 17.89 -6.90
N CYS C 136 1.49 18.05 -7.04
CA CYS C 136 2.53 17.22 -6.39
C CYS C 136 2.28 17.16 -4.88
N LEU C 137 2.07 18.32 -4.25
CA LEU C 137 1.89 18.49 -2.79
C LEU C 137 0.59 17.81 -2.32
N ILE C 138 -0.55 18.26 -2.85
CA ILE C 138 -1.91 17.82 -2.39
C ILE C 138 -2.11 16.33 -2.73
N GLY C 139 -1.34 15.80 -3.70
CA GLY C 139 -1.37 14.38 -4.12
C GLY C 139 -0.47 13.50 -3.27
N GLU C 140 0.40 14.09 -2.45
CA GLU C 140 1.34 13.37 -1.54
C GLU C 140 2.21 12.45 -2.39
N SER C 141 2.96 13.03 -3.34
CA SER C 141 3.59 12.33 -4.48
C SER C 141 5.05 11.98 -4.19
N PHE C 142 5.42 11.85 -2.90
CA PHE C 142 6.83 11.69 -2.46
C PHE C 142 6.97 10.43 -1.61
N ASP C 143 6.07 9.45 -1.83
CA ASP C 143 6.13 8.09 -1.24
C ASP C 143 6.39 8.20 0.28
N ASP C 144 7.57 7.80 0.76
CA ASP C 144 7.89 7.69 2.21
C ASP C 144 8.17 9.06 2.83
N TYR C 145 8.37 10.12 2.03
CA TYR C 145 8.96 11.39 2.47
C TYR C 145 8.01 12.58 2.23
N SER C 146 6.71 12.30 2.07
CA SER C 146 5.65 13.33 1.90
C SER C 146 5.54 14.17 3.18
N ASP C 147 5.78 13.56 4.34
CA ASP C 147 5.70 14.21 5.67
C ASP C 147 6.83 15.24 5.82
N ASP C 148 7.94 15.08 5.09
CA ASP C 148 9.07 16.03 5.11
C ASP C 148 8.65 17.34 4.41
N VAL C 149 7.72 17.28 3.46
CA VAL C 149 7.28 18.46 2.65
C VAL C 149 6.38 19.33 3.54
N CYS C 150 6.71 20.63 3.64
CA CYS C 150 5.95 21.66 4.38
C CYS C 150 5.00 22.40 3.43
N GLY C 151 5.49 22.78 2.25
CA GLY C 151 4.73 23.55 1.26
C GLY C 151 5.57 23.97 0.07
N ALA C 152 5.03 24.83 -0.78
CA ALA C 152 5.69 25.36 -2.00
C ALA C 152 5.49 26.88 -2.08
N VAL C 153 6.43 27.59 -2.71
CA VAL C 153 6.40 29.06 -2.89
C VAL C 153 6.69 29.39 -4.37
N VAL C 154 5.85 30.23 -4.99
CA VAL C 154 6.12 30.85 -6.32
C VAL C 154 6.40 32.34 -6.08
N ASN C 155 7.57 32.81 -6.51
CA ASN C 155 8.00 34.23 -6.41
C ASN C 155 7.82 34.88 -7.79
N VAL C 156 7.03 35.95 -7.87
CA VAL C 156 6.83 36.77 -9.11
C VAL C 156 7.71 38.02 -8.99
N ARG C 157 8.82 38.07 -9.73
CA ARG C 157 9.86 39.12 -9.63
C ARG C 157 10.17 39.68 -11.03
N ALA C 158 10.66 40.92 -11.09
CA ALA C 158 11.01 41.64 -12.34
C ALA C 158 12.13 40.89 -13.08
N LYS C 159 13.22 40.56 -12.36
CA LYS C 159 14.47 40.03 -12.96
C LYS C 159 14.30 38.56 -13.36
N GLY C 160 13.40 37.81 -12.69
CA GLY C 160 13.14 36.38 -13.00
C GLY C 160 12.35 35.70 -11.90
N ASP C 161 11.38 34.87 -12.29
CA ASP C 161 10.42 34.18 -11.37
C ASP C 161 11.08 32.93 -10.79
N LYS C 162 10.65 32.51 -9.59
CA LYS C 162 11.18 31.31 -8.89
C LYS C 162 10.01 30.50 -8.32
N ILE C 163 10.11 29.16 -8.40
CA ILE C 163 9.20 28.20 -7.73
C ILE C 163 10.06 27.29 -6.84
N ALA C 164 9.63 27.04 -5.60
CA ALA C 164 10.35 26.23 -4.61
C ALA C 164 9.39 25.35 -3.83
N ILE C 165 9.83 24.13 -3.49
CA ILE C 165 9.19 23.23 -2.49
C ILE C 165 10.03 23.27 -1.22
N TRP C 166 9.37 23.52 -0.07
CA TRP C 166 9.99 23.61 1.27
C TRP C 166 9.89 22.24 1.96
N THR C 167 11.03 21.69 2.39
CA THR C 167 11.12 20.47 3.24
C THR C 167 11.50 20.90 4.67
N THR C 168 11.33 20.01 5.65
CA THR C 168 11.40 20.32 7.10
C THR C 168 12.84 20.13 7.62
N GLU C 169 13.60 19.19 7.06
CA GLU C 169 14.97 18.86 7.55
C GLU C 169 15.96 18.85 6.38
N CYS C 170 16.95 19.76 6.40
CA CYS C 170 17.94 19.95 5.32
C CYS C 170 19.10 18.96 5.45
N GLU C 171 19.24 18.27 6.59
CA GLU C 171 20.34 17.29 6.85
C GLU C 171 19.87 15.85 6.56
N ASN C 172 18.60 15.65 6.21
CA ASN C 172 18.02 14.33 5.84
C ASN C 172 18.22 14.10 4.34
N ARG C 173 19.40 13.63 3.94
CA ARG C 173 19.85 13.50 2.52
C ARG C 173 18.90 12.59 1.74
N GLU C 174 18.52 11.43 2.30
CA GLU C 174 17.66 10.42 1.63
C GLU C 174 16.31 11.07 1.26
N ALA C 175 15.66 11.72 2.23
CA ALA C 175 14.34 12.37 2.07
C ALA C 175 14.43 13.51 1.03
N VAL C 176 15.43 14.38 1.18
CA VAL C 176 15.59 15.61 0.34
C VAL C 176 15.88 15.20 -1.11
N THR C 177 16.77 14.23 -1.35
CA THR C 177 17.18 13.80 -2.71
C THR C 177 16.00 13.10 -3.41
N HIS C 178 15.23 12.29 -2.68
CA HIS C 178 14.02 11.62 -3.23
C HIS C 178 12.99 12.67 -3.67
N ILE C 179 12.68 13.63 -2.78
CA ILE C 179 11.72 14.75 -3.06
C ILE C 179 12.24 15.54 -4.26
N GLY C 180 13.55 15.75 -4.34
CA GLY C 180 14.21 16.40 -5.49
C GLY C 180 14.03 15.61 -6.77
N ARG C 181 14.40 14.32 -6.76
CA ARG C 181 14.33 13.42 -7.94
C ARG C 181 12.91 13.43 -8.50
N VAL C 182 11.92 13.16 -7.64
CA VAL C 182 10.47 13.05 -8.00
C VAL C 182 10.00 14.39 -8.60
N TYR C 183 10.30 15.51 -7.94
CA TYR C 183 9.79 16.86 -8.31
C TYR C 183 10.27 17.21 -9.71
N LYS C 184 11.55 16.92 -9.99
CA LYS C 184 12.23 17.19 -11.29
C LYS C 184 11.54 16.39 -12.41
N GLU C 185 11.25 15.11 -12.17
CA GLU C 185 10.54 14.22 -13.14
C GLU C 185 9.17 14.82 -13.48
N ARG C 186 8.37 15.15 -12.46
CA ARG C 186 6.97 15.62 -12.59
C ARG C 186 6.93 16.91 -13.41
N LEU C 187 7.91 17.81 -13.21
CA LEU C 187 8.00 19.10 -13.96
C LEU C 187 8.39 18.82 -15.42
N GLY C 188 9.05 17.69 -15.68
CA GLY C 188 9.49 17.27 -17.03
C GLY C 188 10.88 17.78 -17.38
N LEU C 189 11.68 18.13 -16.36
CA LEU C 189 13.06 18.63 -16.52
C LEU C 189 13.99 17.44 -16.79
N PRO C 190 14.78 17.47 -17.89
CA PRO C 190 15.67 16.36 -18.22
C PRO C 190 16.92 16.29 -17.34
N PRO C 191 17.71 15.19 -17.42
CA PRO C 191 18.94 15.05 -16.63
C PRO C 191 19.94 16.22 -16.76
N LYS C 192 20.04 16.80 -17.97
CA LYS C 192 20.94 17.92 -18.31
C LYS C 192 20.66 19.14 -17.41
N ILE C 193 19.38 19.41 -17.11
CA ILE C 193 18.97 20.52 -16.19
C ILE C 193 19.20 20.05 -14.74
N VAL C 194 20.01 20.79 -13.98
CA VAL C 194 20.39 20.43 -12.58
C VAL C 194 19.85 21.52 -11.64
N ILE C 195 18.91 21.14 -10.76
CA ILE C 195 18.31 22.04 -9.73
C ILE C 195 19.07 21.85 -8.42
N GLY C 196 19.11 22.89 -7.58
CA GLY C 196 19.83 22.91 -6.30
C GLY C 196 18.89 22.97 -5.11
N TYR C 197 19.31 22.40 -3.98
CA TYR C 197 18.64 22.50 -2.66
C TYR C 197 19.48 23.40 -1.74
N GLN C 198 18.84 24.37 -1.09
CA GLN C 198 19.48 25.30 -0.12
C GLN C 198 18.68 25.29 1.19
N SER C 199 19.39 25.20 2.32
CA SER C 199 18.82 25.34 3.69
C SER C 199 18.41 26.80 3.91
N HIS C 200 17.32 27.02 4.66
CA HIS C 200 16.77 28.35 5.01
C HIS C 200 17.79 29.14 5.85
N ALA C 201 18.62 28.45 6.63
CA ALA C 201 19.67 29.04 7.50
C ALA C 201 20.78 29.64 6.64
N ASP C 202 21.23 28.94 5.59
CA ASP C 202 22.23 29.44 4.62
C ASP C 202 21.71 30.72 3.93
N THR C 203 20.48 30.64 3.40
CA THR C 203 19.80 31.74 2.65
C THR C 203 19.65 32.97 3.56
N ALA C 204 19.31 32.77 4.83
CA ALA C 204 19.05 33.84 5.82
C ALA C 204 20.31 34.72 5.98
N THR C 205 21.42 34.11 6.40
CA THR C 205 22.74 34.77 6.57
C THR C 205 23.59 34.55 5.31
N ASN C 213 24.47 25.50 -2.18
CA ASN C 213 23.73 24.24 -2.50
C ASN C 213 24.17 23.13 -1.56
N ARG C 214 23.25 22.56 -0.78
CA ARG C 214 23.48 21.41 0.12
C ARG C 214 23.32 20.10 -0.69
N PHE C 215 22.49 20.13 -1.75
CA PHE C 215 22.26 18.97 -2.66
C PHE C 215 21.92 19.48 -4.07
N VAL C 216 22.12 18.59 -5.05
CA VAL C 216 21.78 18.80 -6.50
C VAL C 216 21.26 17.48 -7.06
N VAL C 217 20.24 17.53 -7.91
CA VAL C 217 19.55 16.32 -8.45
C VAL C 217 19.21 16.56 -9.93
N SER D 2 -24.81 23.91 -11.48
CA SER D 2 -25.47 24.43 -10.23
C SER D 2 -25.17 23.50 -9.05
N GLU D 3 -25.89 22.37 -8.94
CA GLU D 3 -25.72 21.34 -7.88
C GLU D 3 -25.34 20.00 -8.53
N VAL D 4 -24.03 19.78 -8.68
CA VAL D 4 -23.44 18.70 -9.52
C VAL D 4 -23.76 17.33 -8.91
N GLN D 5 -23.85 16.30 -9.74
CA GLN D 5 -24.08 14.89 -9.34
C GLN D 5 -23.72 13.96 -10.50
N LEU D 6 -22.97 12.89 -10.20
CA LEU D 6 -22.63 11.79 -11.14
C LEU D 6 -23.02 10.46 -10.48
N VAL D 7 -24.07 9.81 -10.98
CA VAL D 7 -24.64 8.56 -10.39
C VAL D 7 -24.46 7.42 -11.40
N GLU D 8 -23.50 6.53 -11.13
CA GLU D 8 -23.23 5.32 -11.95
C GLU D 8 -24.07 4.16 -11.40
N SER D 9 -24.53 3.27 -12.29
CA SER D 9 -25.24 2.01 -11.93
C SER D 9 -25.10 0.98 -13.06
N GLY D 10 -25.72 -0.19 -12.89
CA GLY D 10 -25.73 -1.28 -13.89
C GLY D 10 -24.73 -2.38 -13.56
N GLY D 11 -23.85 -2.15 -12.58
CA GLY D 11 -22.77 -3.08 -12.20
C GLY D 11 -23.32 -4.29 -11.46
N GLY D 12 -22.57 -5.40 -11.44
CA GLY D 12 -22.94 -6.61 -10.68
C GLY D 12 -22.03 -7.79 -10.97
N LEU D 13 -22.50 -8.98 -10.60
CA LEU D 13 -21.80 -10.29 -10.82
C LEU D 13 -22.13 -10.80 -12.22
N VAL D 14 -21.10 -11.07 -13.03
CA VAL D 14 -21.21 -11.69 -14.39
C VAL D 14 -20.28 -12.90 -14.45
N GLN D 15 -20.57 -13.86 -15.33
CA GLN D 15 -19.69 -15.03 -15.61
C GLN D 15 -18.61 -14.60 -16.59
N PRO D 16 -17.45 -15.30 -16.65
CA PRO D 16 -16.36 -14.91 -17.54
C PRO D 16 -16.77 -14.99 -19.03
N GLY D 17 -16.59 -13.89 -19.77
CA GLY D 17 -17.02 -13.75 -21.17
C GLY D 17 -18.43 -13.20 -21.30
N GLY D 18 -19.01 -12.75 -20.18
CA GLY D 18 -20.36 -12.15 -20.13
C GLY D 18 -20.35 -10.68 -20.52
N SER D 19 -21.51 -10.02 -20.45
CA SER D 19 -21.70 -8.61 -20.88
C SER D 19 -22.60 -7.84 -19.90
N LEU D 20 -22.40 -6.52 -19.82
CA LEU D 20 -23.17 -5.59 -18.95
C LEU D 20 -23.20 -4.19 -19.57
N ARG D 21 -24.30 -3.46 -19.35
CA ARG D 21 -24.45 -2.02 -19.70
C ARG D 21 -24.41 -1.19 -18.41
N LEU D 22 -23.38 -0.36 -18.24
CA LEU D 22 -23.29 0.61 -17.11
C LEU D 22 -23.90 1.94 -17.56
N SER D 23 -24.46 2.68 -16.62
CA SER D 23 -25.13 3.99 -16.84
C SER D 23 -24.54 5.01 -15.88
N SER D 24 -24.57 6.30 -16.24
CA SER D 24 -24.24 7.42 -15.34
C SER D 24 -25.12 8.62 -15.66
N ALA D 25 -26.16 8.83 -14.84
CA ALA D 25 -27.04 10.02 -14.86
C ALA D 25 -26.29 11.19 -14.21
N ILE D 26 -26.11 12.28 -14.94
CA ILE D 26 -25.33 13.47 -14.49
C ILE D 26 -26.26 14.68 -14.35
N SER D 27 -26.07 15.47 -13.29
CA SER D 27 -26.83 16.71 -12.98
C SER D 27 -25.86 17.86 -12.71
N GLY D 28 -26.31 19.11 -12.93
CA GLY D 28 -25.59 20.33 -12.54
C GLY D 28 -24.71 20.88 -13.66
N PHE D 29 -24.44 20.08 -14.70
CA PHE D 29 -23.73 20.53 -15.93
C PHE D 29 -24.14 19.62 -17.08
N SER D 30 -24.10 20.17 -18.31
CA SER D 30 -24.48 19.48 -19.57
C SER D 30 -23.31 18.63 -20.08
N ILE D 31 -23.59 17.41 -20.54
CA ILE D 31 -22.54 16.43 -20.98
C ILE D 31 -21.94 16.90 -22.32
N SER D 32 -22.67 17.71 -23.09
CA SER D 32 -22.21 18.30 -24.38
C SER D 32 -21.34 19.55 -24.14
N SER D 33 -21.25 20.04 -22.90
CA SER D 33 -20.45 21.23 -22.52
C SER D 33 -18.99 20.84 -22.26
N THR D 34 -18.71 19.54 -22.10
CA THR D 34 -17.38 18.99 -21.72
C THR D 34 -17.20 17.59 -22.31
N SER D 35 -16.06 16.96 -22.01
CA SER D 35 -15.80 15.52 -22.21
C SER D 35 -16.02 14.80 -20.87
N ILE D 36 -16.45 13.54 -20.92
CA ILE D 36 -16.71 12.71 -19.71
C ILE D 36 -15.96 11.38 -19.85
N ASP D 37 -15.24 11.01 -18.80
CA ASP D 37 -14.36 9.81 -18.73
C ASP D 37 -15.04 8.74 -17.86
N TRP D 38 -15.04 7.50 -18.33
CA TRP D 38 -15.13 6.29 -17.48
C TRP D 38 -13.70 5.96 -17.02
N VAL D 39 -13.51 5.71 -15.72
CA VAL D 39 -12.24 5.19 -15.13
C VAL D 39 -12.62 4.08 -14.15
N ARG D 40 -11.69 3.16 -13.86
CA ARG D 40 -11.94 2.02 -12.96
C ARG D 40 -10.79 1.87 -11.96
N GLN D 41 -11.11 1.34 -10.76
CA GLN D 41 -10.16 1.00 -9.68
C GLN D 41 -10.32 -0.49 -9.37
N ALA D 42 -9.33 -1.30 -9.75
CA ALA D 42 -9.25 -2.75 -9.42
C ALA D 42 -8.77 -2.90 -7.98
N PRO D 43 -9.15 -4.00 -7.28
CA PRO D 43 -8.71 -4.24 -5.91
C PRO D 43 -7.23 -3.93 -5.65
N GLY D 44 -6.95 -2.96 -4.77
CA GLY D 44 -5.61 -2.63 -4.25
C GLY D 44 -4.70 -2.02 -5.30
N LYS D 45 -5.26 -1.46 -6.38
CA LYS D 45 -4.49 -0.86 -7.50
C LYS D 45 -5.01 0.55 -7.80
N GLY D 46 -4.23 1.35 -8.53
CA GLY D 46 -4.51 2.76 -8.84
C GLY D 46 -5.63 2.92 -9.85
N LEU D 47 -6.09 4.16 -10.05
CA LEU D 47 -7.17 4.51 -11.00
C LEU D 47 -6.65 4.31 -12.43
N GLU D 48 -7.53 3.88 -13.34
CA GLU D 48 -7.20 3.44 -14.72
C GLU D 48 -8.24 3.99 -15.69
N TRP D 49 -7.81 4.72 -16.73
CA TRP D 49 -8.70 5.32 -17.74
C TRP D 49 -9.24 4.23 -18.67
N VAL D 50 -10.55 4.22 -18.90
CA VAL D 50 -11.28 3.21 -19.72
C VAL D 50 -11.57 3.82 -21.10
N ALA D 51 -12.28 4.94 -21.13
CA ALA D 51 -12.84 5.55 -22.34
C ALA D 51 -13.27 7.00 -22.07
N ARG D 52 -13.10 7.87 -23.07
CA ARG D 52 -13.58 9.28 -23.08
C ARG D 52 -14.70 9.42 -24.12
N ILE D 53 -15.65 10.33 -23.88
CA ILE D 53 -16.67 10.76 -24.88
C ILE D 53 -16.81 12.29 -24.80
N SER D 54 -16.87 12.95 -25.95
CA SER D 54 -17.22 14.39 -26.10
C SER D 54 -18.53 14.49 -26.86
N PRO D 55 -19.69 14.38 -26.16
CA PRO D 55 -21.00 14.38 -26.80
C PRO D 55 -21.25 15.54 -27.79
N SER D 56 -20.56 16.67 -27.63
CA SER D 56 -20.59 17.83 -28.56
C SER D 56 -20.38 17.33 -29.99
N SER D 57 -19.28 16.61 -30.24
CA SER D 57 -18.87 16.09 -31.57
C SER D 57 -19.16 14.59 -31.69
N GLY D 58 -19.43 13.92 -30.57
CA GLY D 58 -19.59 12.45 -30.50
C GLY D 58 -18.26 11.72 -30.61
N SER D 59 -17.13 12.44 -30.55
CA SER D 59 -15.76 11.86 -30.59
C SER D 59 -15.52 11.06 -29.31
N THR D 60 -14.79 9.95 -29.42
CA THR D 60 -14.48 9.00 -28.32
C THR D 60 -13.08 8.44 -28.49
N SER D 61 -12.47 7.99 -27.38
CA SER D 61 -11.20 7.22 -27.36
C SER D 61 -11.27 6.15 -26.27
N TYR D 62 -10.48 5.09 -26.41
CA TYR D 62 -10.48 3.90 -25.52
C TYR D 62 -9.04 3.58 -25.13
N ALA D 63 -8.84 3.07 -23.90
CA ALA D 63 -7.58 2.42 -23.46
C ALA D 63 -7.35 1.18 -24.34
N ASP D 64 -6.09 0.84 -24.61
CA ASP D 64 -5.69 -0.32 -25.45
C ASP D 64 -6.32 -1.61 -24.89
N SER D 65 -6.47 -1.71 -23.56
CA SER D 65 -6.95 -2.93 -22.84
C SER D 65 -8.44 -3.21 -23.13
N VAL D 66 -9.24 -2.21 -23.47
CA VAL D 66 -10.73 -2.35 -23.64
C VAL D 66 -11.12 -2.18 -25.12
N LYS D 67 -10.15 -2.00 -26.02
CA LYS D 67 -10.35 -1.87 -27.49
C LYS D 67 -11.07 -3.12 -28.03
N GLY D 68 -12.18 -2.91 -28.75
CA GLY D 68 -12.93 -3.97 -29.46
C GLY D 68 -13.98 -4.65 -28.59
N ARG D 69 -13.95 -4.42 -27.27
CA ARG D 69 -14.83 -5.09 -26.27
C ARG D 69 -15.81 -4.08 -25.66
N PHE D 70 -15.36 -2.83 -25.47
CA PHE D 70 -16.10 -1.76 -24.74
C PHE D 70 -16.56 -0.69 -25.74
N THR D 71 -17.72 -0.07 -25.45
CA THR D 71 -18.33 1.03 -26.24
C THR D 71 -18.92 2.07 -25.28
N ILE D 72 -18.40 3.30 -25.33
CA ILE D 72 -18.94 4.48 -24.59
C ILE D 72 -19.94 5.19 -25.50
N SER D 73 -21.03 5.70 -24.94
CA SER D 73 -22.14 6.37 -25.66
C SER D 73 -22.84 7.36 -24.72
N ALA D 74 -23.84 8.07 -25.23
CA ALA D 74 -24.59 9.10 -24.47
C ALA D 74 -26.02 9.19 -24.99
N ASP D 75 -26.97 9.47 -24.09
CA ASP D 75 -28.33 9.96 -24.42
C ASP D 75 -28.40 11.42 -23.94
N THR D 76 -28.14 12.37 -24.84
CA THR D 76 -27.95 13.81 -24.53
C THR D 76 -29.26 14.42 -24.00
N SER D 77 -30.42 13.90 -24.44
CA SER D 77 -31.75 14.33 -23.94
C SER D 77 -31.89 13.97 -22.45
N LYS D 78 -31.29 12.85 -22.02
CA LYS D 78 -31.34 12.32 -20.63
C LYS D 78 -30.09 12.74 -19.83
N ASN D 79 -29.09 13.35 -20.48
CA ASN D 79 -27.83 13.81 -19.83
C ASN D 79 -27.16 12.62 -19.12
N THR D 80 -27.12 11.46 -19.79
CA THR D 80 -26.61 10.17 -19.25
C THR D 80 -25.55 9.60 -20.19
N VAL D 81 -24.46 9.05 -19.64
CA VAL D 81 -23.41 8.32 -20.42
C VAL D 81 -23.50 6.83 -20.07
N TYR D 82 -23.17 5.97 -21.04
CA TYR D 82 -23.24 4.49 -20.93
C TYR D 82 -21.89 3.89 -21.28
N LEU D 83 -21.66 2.66 -20.84
CA LEU D 83 -20.48 1.83 -21.21
C LEU D 83 -20.97 0.39 -21.45
N GLN D 84 -21.03 -0.02 -22.72
CA GLN D 84 -21.36 -1.41 -23.13
C GLN D 84 -20.07 -2.24 -23.05
N MET D 85 -20.06 -3.27 -22.20
CA MET D 85 -18.88 -4.14 -21.96
C MET D 85 -19.22 -5.58 -22.41
N ASN D 86 -18.37 -6.17 -23.24
CA ASN D 86 -18.50 -7.57 -23.74
C ASN D 86 -17.21 -8.35 -23.45
N SER D 87 -17.29 -9.68 -23.46
CA SER D 87 -16.16 -10.63 -23.29
C SER D 87 -15.36 -10.24 -22.03
N LEU D 88 -16.06 -10.04 -20.92
CA LEU D 88 -15.49 -9.60 -19.63
C LEU D 88 -14.61 -10.71 -19.05
N ARG D 89 -13.57 -10.33 -18.30
CA ARG D 89 -12.57 -11.25 -17.67
C ARG D 89 -12.08 -10.60 -16.37
N ALA D 90 -11.31 -11.36 -15.56
CA ALA D 90 -10.80 -10.94 -14.24
C ALA D 90 -10.15 -9.55 -14.35
N GLU D 91 -9.52 -9.27 -15.50
CA GLU D 91 -8.85 -7.99 -15.84
C GLU D 91 -9.79 -6.80 -15.62
N ASP D 92 -11.09 -6.98 -15.88
CA ASP D 92 -12.10 -5.89 -15.98
C ASP D 92 -12.84 -5.75 -14.64
N THR D 93 -12.61 -6.65 -13.68
CA THR D 93 -13.17 -6.58 -12.31
C THR D 93 -12.63 -5.33 -11.61
N ALA D 94 -13.50 -4.41 -11.22
CA ALA D 94 -13.15 -3.09 -10.64
C ALA D 94 -14.43 -2.34 -10.26
N VAL D 95 -14.26 -1.20 -9.59
CA VAL D 95 -15.32 -0.15 -9.44
C VAL D 95 -15.17 0.79 -10.64
N TYR D 96 -16.28 1.16 -11.28
CA TYR D 96 -16.32 2.05 -12.48
C TYR D 96 -16.91 3.40 -12.08
N TYR D 97 -16.14 4.47 -12.33
CA TYR D 97 -16.51 5.88 -12.05
C TYR D 97 -16.64 6.63 -13.37
N THR D 98 -17.54 7.62 -13.42
CA THR D 98 -17.52 8.71 -14.43
C THR D 98 -16.95 9.96 -13.76
N GLY D 99 -16.13 10.71 -14.49
CA GLY D 99 -15.47 11.93 -13.97
C GLY D 99 -15.24 12.95 -15.07
N ARG D 100 -15.35 14.23 -14.71
CA ARG D 100 -14.91 15.37 -15.56
C ARG D 100 -13.49 15.74 -15.13
N VAL D 101 -12.54 15.69 -16.07
CA VAL D 101 -11.16 16.20 -15.84
C VAL D 101 -11.26 17.71 -15.67
N ALA D 102 -10.51 18.29 -14.72
CA ALA D 102 -10.48 19.74 -14.42
C ALA D 102 -10.06 20.50 -15.68
N LYS D 103 -10.54 21.74 -15.83
CA LYS D 103 -10.31 22.61 -17.02
C LYS D 103 -8.80 22.74 -17.27
N ALA D 104 -8.03 23.04 -16.22
CA ALA D 104 -6.57 23.34 -16.28
C ALA D 104 -5.78 22.17 -16.85
N LEU D 105 -6.33 20.96 -16.86
CA LEU D 105 -5.64 19.70 -17.27
C LEU D 105 -6.27 19.09 -18.52
N ASN D 106 -7.37 19.64 -19.05
CA ASN D 106 -8.17 18.98 -20.11
C ASN D 106 -7.42 19.04 -21.46
N SER D 107 -6.39 19.90 -21.58
CA SER D 107 -5.45 19.93 -22.72
C SER D 107 -4.68 18.60 -22.78
N ARG D 108 -4.34 18.04 -21.62
CA ARG D 108 -3.58 16.78 -21.46
C ARG D 108 -4.46 15.59 -21.87
N SER D 109 -3.84 14.48 -22.27
CA SER D 109 -4.53 13.21 -22.63
C SER D 109 -5.13 12.59 -21.37
N PRO D 110 -6.24 11.83 -21.47
CA PRO D 110 -6.86 11.23 -20.29
C PRO D 110 -5.97 10.14 -19.66
N SER D 111 -5.27 9.36 -20.49
CA SER D 111 -4.29 8.33 -20.06
C SER D 111 -3.23 8.95 -19.14
N PHE D 112 -2.80 10.18 -19.47
CA PHE D 112 -1.74 10.93 -18.74
C PHE D 112 -2.28 11.47 -17.41
N VAL D 113 -3.47 12.09 -17.45
CA VAL D 113 -4.10 12.76 -16.28
C VAL D 113 -4.34 11.71 -15.17
N VAL D 114 -4.80 10.51 -15.54
CA VAL D 114 -5.18 9.44 -14.57
C VAL D 114 -3.93 8.71 -14.07
N ASN D 115 -2.87 8.64 -14.89
CA ASN D 115 -1.60 7.96 -14.52
C ASN D 115 -0.79 8.87 -13.57
N THR D 116 -0.81 10.18 -13.80
CA THR D 116 0.05 11.17 -13.10
C THR D 116 -0.67 11.72 -11.86
N TYR D 117 -1.95 12.09 -11.98
CA TYR D 117 -2.72 12.81 -10.93
C TYR D 117 -3.79 11.91 -10.30
N SER D 118 -4.13 10.79 -10.95
CA SER D 118 -5.28 9.91 -10.62
C SER D 118 -6.47 10.74 -10.15
N SER D 119 -6.93 10.54 -8.91
CA SER D 119 -8.23 11.05 -8.39
C SER D 119 -8.25 12.59 -8.37
N ILE D 120 -7.09 13.23 -8.26
CA ILE D 120 -6.93 14.71 -8.11
C ILE D 120 -7.06 15.39 -9.47
N GLY D 121 -7.00 14.64 -10.57
CA GLY D 121 -7.17 15.17 -11.95
C GLY D 121 -8.60 15.57 -12.24
N PHE D 122 -9.56 15.04 -11.47
CA PHE D 122 -11.03 15.21 -11.67
C PHE D 122 -11.57 16.25 -10.71
N ASP D 123 -12.28 17.26 -11.23
CA ASP D 123 -12.95 18.31 -10.43
C ASP D 123 -14.31 17.76 -9.95
N TYR D 124 -14.86 16.76 -10.64
CA TYR D 124 -16.06 16.00 -10.20
C TYR D 124 -15.94 14.53 -10.65
N ARG D 125 -16.39 13.62 -9.80
CA ARG D 125 -16.35 12.14 -10.02
C ARG D 125 -17.37 11.48 -9.09
N GLY D 126 -18.05 10.43 -9.57
CA GLY D 126 -19.11 9.73 -8.82
C GLY D 126 -18.52 8.76 -7.80
N GLN D 127 -19.37 8.14 -6.99
CA GLN D 127 -18.99 7.13 -5.97
C GLN D 127 -18.81 5.75 -6.65
N GLY D 128 -19.45 5.55 -7.81
CA GLY D 128 -19.15 4.43 -8.71
C GLY D 128 -20.06 3.23 -8.50
N THR D 129 -19.96 2.26 -9.41
CA THR D 129 -20.73 0.99 -9.43
C THR D 129 -19.73 -0.15 -9.59
N LEU D 130 -19.91 -1.26 -8.86
CA LEU D 130 -18.96 -2.41 -8.81
C LEU D 130 -19.29 -3.37 -9.95
N VAL D 131 -18.26 -3.80 -10.69
CA VAL D 131 -18.33 -4.89 -11.71
C VAL D 131 -17.42 -6.02 -11.21
N THR D 132 -17.99 -7.21 -11.00
CA THR D 132 -17.26 -8.45 -10.59
C THR D 132 -17.40 -9.49 -11.69
N VAL D 133 -16.27 -9.99 -12.22
CA VAL D 133 -16.21 -11.07 -13.25
C VAL D 133 -15.90 -12.39 -12.54
N SER D 134 -16.84 -13.33 -12.56
CA SER D 134 -16.74 -14.68 -11.93
C SER D 134 -17.98 -15.50 -12.27
#